data_4EXH
#
_entry.id   4EXH
#
_cell.length_a   46.314
_cell.length_b   65.210
_cell.length_c   69.468
_cell.angle_alpha   90.00
_cell.angle_beta   90.00
_cell.angle_gamma   90.00
#
_symmetry.space_group_name_H-M   'P 21 21 21'
#
loop_
_entity.id
_entity.type
_entity.pdbx_description
1 polymer 'Putative gag-pro-pol polyprotein'
2 polymer ACETYL-PEPSTATIN
3 non-polymer 'FORMIC ACID'
4 water water
#
loop_
_entity_poly.entity_id
_entity_poly.type
_entity_poly.pdbx_seq_one_letter_code
_entity_poly.pdbx_strand_id
1 'polypeptide(L)'
;MHHHHHHTLGDQGGQGQEPPPEPRITLKVGGQPVTFLVDTGAQHSVLTQNPGPLSDKSAWVQGATGGKRYRWTTDRKVHL
ATGKVTHSFLHVPDCPYPLLGRDLLTKLKAQIHFEGSGAQVVGPMGQPLQVL
;
A,B
2 'polypeptide(L)' (ACE)VV(STA)A(STA) J,M,P
#
loop_
_chem_comp.id
_chem_comp.type
_chem_comp.name
_chem_comp.formula
ACE non-polymer 'ACETYL GROUP' 'C2 H4 O'
FMT non-polymer 'FORMIC ACID' 'C H2 O2'
STA peptide-like STATINE 'C8 H17 N O3'
#
# COMPACT_ATOMS: atom_id res chain seq x y z
CA GLU A 18 -0.10 -18.05 5.24
C GLU A 18 0.27 -16.61 5.62
N PRO A 19 1.55 -16.23 5.46
CA PRO A 19 1.98 -14.86 5.74
C PRO A 19 1.51 -13.90 4.64
N PRO A 20 1.58 -12.58 4.88
CA PRO A 20 1.30 -11.65 3.79
C PRO A 20 2.37 -11.72 2.71
N PRO A 21 2.09 -11.22 1.50
CA PRO A 21 3.14 -11.17 0.48
C PRO A 21 4.22 -10.14 0.81
N GLU A 22 5.34 -10.21 0.09
CA GLU A 22 6.37 -9.20 0.13
C GLU A 22 5.81 -7.92 -0.48
N PRO A 23 6.26 -6.73 -0.02
CA PRO A 23 7.21 -6.49 1.07
C PRO A 23 6.52 -6.67 2.41
N ARG A 24 7.18 -7.37 3.33
CA ARG A 24 6.59 -7.62 4.64
C ARG A 24 7.64 -7.46 5.70
N ILE A 25 7.20 -7.23 6.93
CA ILE A 25 8.11 -7.04 8.05
C ILE A 25 7.49 -7.61 9.33
N THR A 26 8.30 -8.27 10.14
CA THR A 26 7.80 -8.72 11.44
C THR A 26 8.30 -7.78 12.53
N LEU A 27 7.37 -7.30 13.34
CA LEU A 27 7.68 -6.39 14.44
C LEU A 27 7.08 -6.91 15.72
N LYS A 28 7.79 -6.72 16.81
CA LYS A 28 7.22 -6.94 18.14
C LYS A 28 6.27 -5.77 18.48
N VAL A 29 5.01 -6.10 18.73
CA VAL A 29 3.97 -5.12 19.07
C VAL A 29 3.32 -5.58 20.36
N GLY A 30 3.43 -4.77 21.41
CA GLY A 30 2.96 -5.19 22.72
C GLY A 30 3.50 -6.55 23.16
N GLY A 31 4.74 -6.84 22.80
CA GLY A 31 5.39 -8.06 23.26
C GLY A 31 5.14 -9.28 22.39
N GLN A 32 4.29 -9.14 21.36
CA GLN A 32 4.03 -10.25 20.43
C GLN A 32 4.48 -9.91 19.00
N PRO A 33 5.10 -10.89 18.30
CA PRO A 33 5.47 -10.68 16.90
C PRO A 33 4.26 -10.55 15.98
N VAL A 34 4.25 -9.53 15.14
CA VAL A 34 3.19 -9.35 14.15
C VAL A 34 3.89 -9.20 12.78
N THR A 35 3.47 -10.01 11.82
CA THR A 35 3.97 -9.89 10.46
C THR A 35 3.03 -8.99 9.65
N PHE A 36 3.56 -7.86 9.20
CA PHE A 36 2.79 -6.85 8.50
C PHE A 36 3.08 -6.92 7.00
N LEU A 37 2.04 -6.71 6.19
CA LEU A 37 2.26 -6.25 4.81
C LEU A 37 2.63 -4.78 4.90
N VAL A 38 3.73 -4.42 4.26
CA VAL A 38 4.15 -3.03 4.20
C VAL A 38 3.30 -2.33 3.15
N ASP A 39 2.56 -1.31 3.59
CA ASP A 39 1.49 -0.75 2.77
C ASP A 39 1.61 0.75 2.69
N THR A 40 2.28 1.25 1.65
CA THR A 40 2.46 2.69 1.46
C THR A 40 1.15 3.39 1.14
N GLY A 41 0.14 2.60 0.75
CA GLY A 41 -1.20 3.13 0.50
C GLY A 41 -2.07 3.29 1.75
N ALA A 42 -1.60 2.80 2.90
CA ALA A 42 -2.35 2.92 4.14
C ALA A 42 -1.91 4.15 4.94
N GLN A 43 -2.86 5.00 5.30
CA GLN A 43 -2.57 6.19 6.07
C GLN A 43 -2.22 5.83 7.54
N HIS A 44 -2.91 4.84 8.08
CA HIS A 44 -2.62 4.36 9.44
C HIS A 44 -2.49 2.84 9.47
N SER A 45 -1.75 2.35 10.46
CA SER A 45 -1.49 0.92 10.57
C SER A 45 -2.66 0.16 11.18
N VAL A 46 -2.74 -1.12 10.84
CA VAL A 46 -3.91 -1.94 11.10
C VAL A 46 -3.53 -3.30 11.70
N LEU A 47 -4.24 -3.69 12.75
CA LEU A 47 -4.20 -5.07 13.27
C LEU A 47 -5.53 -5.74 12.92
N THR A 48 -5.51 -7.05 12.65
CA THR A 48 -6.69 -7.72 12.11
C THR A 48 -7.27 -8.79 13.04
N GLN A 49 -6.41 -9.43 13.81
CA GLN A 49 -6.86 -10.39 14.80
C GLN A 49 -6.01 -10.29 16.05
N ASN A 50 -6.58 -10.72 17.18
CA ASN A 50 -5.88 -10.64 18.47
C ASN A 50 -5.28 -9.23 18.72
N PRO A 51 -6.12 -8.17 18.58
CA PRO A 51 -5.60 -6.81 18.74
C PRO A 51 -5.24 -6.42 20.20
N GLY A 52 -5.68 -7.23 21.17
CA GLY A 52 -5.58 -6.85 22.59
C GLY A 52 -6.61 -5.80 22.93
N PRO A 53 -6.49 -5.15 24.10
CA PRO A 53 -7.47 -4.17 24.59
C PRO A 53 -7.77 -3.06 23.58
N LEU A 54 -9.06 -2.75 23.46
CA LEU A 54 -9.53 -1.75 22.51
C LEU A 54 -9.96 -0.48 23.22
N SER A 55 -9.72 0.66 22.60
CA SER A 55 -10.23 1.93 23.11
C SER A 55 -11.71 2.04 22.71
N ASP A 56 -12.45 2.91 23.37
CA ASP A 56 -13.82 3.22 22.90
C ASP A 56 -13.85 4.34 21.84
N LYS A 57 -12.69 4.71 21.29
CA LYS A 57 -12.63 5.69 20.21
C LYS A 57 -12.62 4.98 18.85
N SER A 58 -13.33 5.55 17.89
CA SER A 58 -13.42 4.96 16.57
C SER A 58 -13.03 5.94 15.47
N ALA A 59 -12.89 5.41 14.27
CA ALA A 59 -12.59 6.23 13.11
C ALA A 59 -13.24 5.64 11.87
N TRP A 60 -13.59 6.55 10.95
CA TRP A 60 -14.07 6.15 9.64
C TRP A 60 -12.91 5.74 8.75
N VAL A 61 -12.94 4.51 8.27
CA VAL A 61 -11.90 3.98 7.41
C VAL A 61 -12.41 3.85 5.98
N GLN A 62 -11.81 4.57 5.05
CA GLN A 62 -12.14 4.39 3.63
C GLN A 62 -11.17 3.42 2.98
N GLY A 63 -11.71 2.32 2.48
CA GLY A 63 -10.93 1.34 1.72
C GLY A 63 -11.15 1.52 0.23
N ALA A 64 -10.55 0.60 -0.54
CA ALA A 64 -10.64 0.65 -2.00
C ALA A 64 -12.07 0.38 -2.48
N THR A 65 -12.83 -0.37 -1.69
CA THR A 65 -14.12 -0.89 -2.14
C THR A 65 -15.31 -0.37 -1.34
N GLY A 66 -15.05 0.38 -0.28
CA GLY A 66 -16.11 0.92 0.56
C GLY A 66 -15.52 1.56 1.80
N GLY A 67 -16.34 1.75 2.82
CA GLY A 67 -15.93 2.45 4.03
C GLY A 67 -16.69 1.91 5.21
N LYS A 68 -16.06 1.90 6.39
CA LYS A 68 -16.71 1.42 7.60
C LYS A 68 -16.07 2.03 8.84
N ARG A 69 -16.81 2.06 9.93
CA ARG A 69 -16.31 2.59 11.20
C ARG A 69 -15.55 1.49 11.99
N TYR A 70 -14.34 1.80 12.48
CA TYR A 70 -13.58 0.82 13.29
C TYR A 70 -13.00 1.45 14.54
N ARG A 71 -12.64 0.61 15.52
CA ARG A 71 -12.10 1.09 16.78
C ARG A 71 -10.57 1.19 16.74
N TRP A 72 -10.01 2.12 17.51
CA TRP A 72 -8.58 2.14 17.79
C TRP A 72 -8.26 1.17 18.93
N THR A 73 -7.03 0.63 18.92
CA THR A 73 -6.54 -0.16 20.05
C THR A 73 -6.10 0.85 21.11
N THR A 74 -5.86 0.38 22.33
CA THR A 74 -5.12 1.17 23.33
C THR A 74 -3.66 1.23 22.87
N ASP A 75 -2.83 2.01 23.56
CA ASP A 75 -1.42 2.14 23.19
C ASP A 75 -0.65 0.85 23.28
N ARG A 76 0.20 0.61 22.29
CA ARG A 76 1.12 -0.52 22.25
C ARG A 76 2.56 -0.02 22.12
N LYS A 77 3.50 -0.70 22.77
CA LYS A 77 4.91 -0.49 22.48
C LYS A 77 5.30 -1.25 21.18
N VAL A 78 5.89 -0.54 20.24
CA VAL A 78 6.24 -1.09 18.94
C VAL A 78 7.76 -1.04 18.79
N HIS A 79 8.39 -2.20 18.62
CA HIS A 79 9.85 -2.26 18.54
C HIS A 79 10.39 -2.06 17.13
N LEU A 80 10.57 -0.80 16.73
CA LEU A 80 11.11 -0.49 15.40
C LEU A 80 12.63 -0.60 15.41
N ALA A 81 13.24 -0.87 14.25
CA ALA A 81 14.70 -0.94 14.17
C ALA A 81 15.33 0.42 14.51
N THR A 82 14.58 1.49 14.24
CA THR A 82 15.01 2.85 14.58
C THR A 82 14.79 3.17 16.06
N GLY A 83 14.23 2.21 16.80
CA GLY A 83 14.01 2.36 18.24
C GLY A 83 12.53 2.24 18.60
N LYS A 84 12.23 1.81 19.81
CA LYS A 84 10.83 1.61 20.19
C LYS A 84 10.02 2.90 20.42
N VAL A 85 8.76 2.82 20.04
CA VAL A 85 7.81 3.93 20.18
C VAL A 85 6.48 3.38 20.68
N THR A 86 5.61 4.28 21.14
CA THR A 86 4.25 3.93 21.45
C THR A 86 3.35 4.23 20.25
N HIS A 87 2.47 3.28 19.93
CA HIS A 87 1.58 3.43 18.78
C HIS A 87 0.22 2.76 19.04
N SER A 88 -0.82 3.34 18.47
CA SER A 88 -2.12 2.70 18.52
C SER A 88 -2.58 2.39 17.09
N PHE A 89 -3.24 1.25 16.93
CA PHE A 89 -3.58 0.68 15.63
C PHE A 89 -5.09 0.70 15.42
N LEU A 90 -5.52 0.74 14.15
CA LEU A 90 -6.91 0.48 13.80
C LEU A 90 -7.14 -1.02 13.88
N HIS A 91 -8.17 -1.46 14.60
CA HIS A 91 -8.54 -2.86 14.56
C HIS A 91 -9.56 -3.06 13.45
N VAL A 92 -9.15 -3.72 12.37
CA VAL A 92 -9.97 -3.90 11.18
C VAL A 92 -10.02 -5.38 10.88
N PRO A 93 -10.97 -6.10 11.51
CA PRO A 93 -11.01 -7.55 11.32
C PRO A 93 -11.45 -8.00 9.92
N ASP A 94 -12.01 -7.09 9.12
CA ASP A 94 -12.38 -7.35 7.71
C ASP A 94 -11.18 -7.39 6.79
N CYS A 95 -10.08 -6.79 7.23
CA CYS A 95 -8.87 -6.67 6.44
C CYS A 95 -8.09 -8.01 6.42
N PRO A 96 -7.59 -8.42 5.24
CA PRO A 96 -6.91 -9.71 5.08
C PRO A 96 -5.53 -9.87 5.74
N TYR A 97 -4.77 -8.79 5.89
CA TYR A 97 -3.45 -8.82 6.52
C TYR A 97 -3.28 -7.63 7.45
N PRO A 98 -2.49 -7.76 8.54
CA PRO A 98 -2.10 -6.55 9.27
C PRO A 98 -1.31 -5.62 8.34
N LEU A 99 -1.47 -4.31 8.48
CA LEU A 99 -0.86 -3.37 7.55
C LEU A 99 0.02 -2.42 8.31
N LEU A 100 1.19 -2.17 7.75
CA LEU A 100 2.09 -1.18 8.27
C LEU A 100 2.05 0.03 7.35
N GLY A 101 1.39 1.09 7.80
CA GLY A 101 1.12 2.23 6.94
C GLY A 101 2.18 3.32 7.04
N ARG A 102 1.88 4.45 6.39
CA ARG A 102 2.75 5.60 6.32
C ARG A 102 3.06 6.21 7.68
N ASP A 103 2.15 6.07 8.65
CA ASP A 103 2.38 6.57 10.01
C ASP A 103 3.62 5.95 10.70
N LEU A 104 3.84 4.64 10.49
CA LEU A 104 5.02 4.00 11.08
C LEU A 104 6.19 3.94 10.12
N LEU A 105 5.91 3.90 8.81
CA LEU A 105 6.97 3.92 7.82
C LEU A 105 7.75 5.22 7.91
N THR A 106 7.05 6.32 8.18
CA THR A 106 7.71 7.60 8.35
C THR A 106 8.63 7.59 9.58
N LYS A 107 8.26 6.84 10.61
CA LYS A 107 9.10 6.74 11.82
C LYS A 107 10.32 5.85 11.60
N LEU A 108 10.13 4.80 10.82
CA LEU A 108 11.20 3.89 10.46
C LEU A 108 12.14 4.48 9.39
N LYS A 109 11.68 5.50 8.68
CA LYS A 109 12.42 6.01 7.50
C LYS A 109 12.83 4.83 6.62
N ALA A 110 11.92 3.90 6.41
CA ALA A 110 12.20 2.70 5.63
C ALA A 110 12.42 3.00 4.14
N GLN A 111 13.20 2.14 3.51
CA GLN A 111 13.33 2.10 2.07
C GLN A 111 12.77 0.77 1.65
N ILE A 112 12.00 0.79 0.57
CA ILE A 112 11.42 -0.43 0.02
C ILE A 112 11.96 -0.65 -1.39
N HIS A 113 12.54 -1.82 -1.64
CA HIS A 113 13.24 -2.08 -2.90
C HIS A 113 12.55 -3.17 -3.69
N PHE A 114 12.17 -2.85 -4.92
CA PHE A 114 11.56 -3.84 -5.83
C PHE A 114 12.52 -4.41 -6.89
N GLU A 115 13.76 -3.90 -6.94
CA GLU A 115 14.76 -4.48 -7.83
C GLU A 115 15.25 -5.81 -7.24
N GLY A 116 15.55 -6.76 -8.13
CA GLY A 116 15.78 -8.14 -7.69
C GLY A 116 14.45 -8.87 -7.63
N SER A 117 14.47 -10.09 -7.10
CA SER A 117 13.23 -10.87 -6.98
C SER A 117 12.45 -10.46 -5.73
N GLY A 118 11.15 -10.26 -5.91
CA GLY A 118 10.27 -9.81 -4.84
C GLY A 118 10.52 -8.36 -4.42
N ALA A 119 10.53 -8.13 -3.12
CA ALA A 119 10.73 -6.80 -2.56
C ALA A 119 11.27 -6.92 -1.15
N GLN A 120 12.22 -6.06 -0.82
CA GLN A 120 12.82 -6.04 0.50
C GLN A 120 12.69 -4.67 1.17
N VAL A 121 12.46 -4.70 2.48
CA VAL A 121 12.43 -3.48 3.29
C VAL A 121 13.82 -3.28 3.88
N VAL A 122 14.31 -2.05 3.79
CA VAL A 122 15.65 -1.69 4.24
C VAL A 122 15.52 -0.49 5.18
N GLY A 123 16.27 -0.52 6.28
CA GLY A 123 16.25 0.59 7.23
C GLY A 123 17.00 1.81 6.73
N PRO A 124 17.01 2.89 7.52
CA PRO A 124 17.77 4.10 7.15
C PRO A 124 19.30 3.91 7.22
N MET A 125 19.74 2.86 7.89
CA MET A 125 21.17 2.53 7.98
C MET A 125 21.65 1.66 6.80
N GLY A 126 20.71 1.23 5.96
CA GLY A 126 21.00 0.38 4.82
C GLY A 126 20.96 -1.11 5.14
N GLN A 127 20.51 -1.45 6.35
CA GLN A 127 20.42 -2.85 6.77
C GLN A 127 19.04 -3.46 6.47
N PRO A 128 19.01 -4.59 5.72
CA PRO A 128 17.76 -5.23 5.31
C PRO A 128 16.92 -5.77 6.47
N LEU A 129 15.66 -5.33 6.55
CA LEU A 129 14.69 -5.81 7.55
C LEU A 129 13.82 -6.93 6.97
N GLN A 130 13.40 -7.87 7.82
CA GLN A 130 12.63 -9.03 7.36
C GLN A 130 11.43 -9.43 8.24
N VAL A 131 10.65 -10.40 7.73
CA VAL A 131 9.49 -10.95 8.42
N GLU B 18 -5.55 18.96 -5.98
CA GLU B 18 -5.63 17.86 -4.95
C GLU B 18 -5.02 16.55 -5.48
N PRO B 19 -3.70 16.37 -5.32
CA PRO B 19 -3.11 15.10 -5.72
C PRO B 19 -3.26 14.06 -4.60
N PRO B 20 -2.98 12.77 -4.90
CA PRO B 20 -2.93 11.81 -3.82
C PRO B 20 -1.75 12.11 -2.88
N PRO B 21 -1.73 11.51 -1.70
CA PRO B 21 -0.58 11.74 -0.83
C PRO B 21 0.69 11.09 -1.38
N GLU B 22 1.85 11.54 -0.88
CA GLU B 22 3.10 10.85 -1.18
C GLU B 22 3.10 9.50 -0.47
N PRO B 23 3.77 8.49 -1.04
CA PRO B 23 4.51 8.51 -2.28
C PRO B 23 3.58 8.52 -3.48
N ARG B 24 3.90 9.33 -4.47
CA ARG B 24 3.08 9.37 -5.67
C ARG B 24 3.96 9.52 -6.87
N ILE B 25 3.43 9.12 -8.02
CA ILE B 25 4.16 9.24 -9.29
C ILE B 25 3.18 9.49 -10.42
N THR B 26 3.63 10.26 -11.41
CA THR B 26 2.83 10.54 -12.59
C THR B 26 3.37 9.73 -13.77
N LEU B 27 2.52 8.88 -14.34
CA LEU B 27 2.86 8.06 -15.51
C LEU B 27 1.88 8.30 -16.66
N LYS B 28 2.38 8.27 -17.90
CA LYS B 28 1.49 8.28 -19.07
C LYS B 28 0.78 6.94 -19.26
N VAL B 29 -0.56 6.98 -19.29
CA VAL B 29 -1.34 5.79 -19.59
C VAL B 29 -2.25 6.11 -20.77
N GLY B 30 -2.21 5.28 -21.81
CA GLY B 30 -3.03 5.50 -22.99
C GLY B 30 -2.75 6.85 -23.64
N GLY B 31 -1.58 7.41 -23.35
CA GLY B 31 -1.12 8.68 -23.92
C GLY B 31 -1.28 9.90 -23.03
N GLN B 32 -1.93 9.75 -21.88
CA GLN B 32 -2.13 10.89 -20.97
C GLN B 32 -1.69 10.58 -19.54
N PRO B 33 -1.11 11.59 -18.85
CA PRO B 33 -0.54 11.41 -17.50
C PRO B 33 -1.62 11.06 -16.48
N VAL B 34 -1.31 10.11 -15.60
CA VAL B 34 -2.13 9.77 -14.45
C VAL B 34 -1.24 9.87 -13.22
N THR B 35 -1.69 10.61 -12.19
CA THR B 35 -0.97 10.69 -10.92
C THR B 35 -1.48 9.61 -9.97
N PHE B 36 -0.62 8.64 -9.71
CA PHE B 36 -0.93 7.48 -8.90
C PHE B 36 -0.45 7.68 -7.48
N LEU B 37 -1.24 7.21 -6.51
CA LEU B 37 -0.71 6.88 -5.21
C LEU B 37 0.09 5.58 -5.35
N VAL B 38 1.36 5.62 -4.98
CA VAL B 38 2.18 4.41 -5.00
C VAL B 38 1.79 3.57 -3.80
N ASP B 39 1.35 2.34 -4.06
CA ASP B 39 0.74 1.52 -3.02
C ASP B 39 1.30 0.10 -3.01
N THR B 40 2.23 -0.16 -2.10
CA THR B 40 2.85 -1.48 -2.02
C THR B 40 1.85 -2.50 -1.50
N GLY B 41 0.74 -2.01 -0.94
CA GLY B 41 -0.34 -2.87 -0.46
C GLY B 41 -1.32 -3.28 -1.55
N ALA B 42 -1.14 -2.78 -2.77
CA ALA B 42 -2.01 -3.14 -3.88
C ALA B 42 -1.40 -4.25 -4.71
N GLN B 43 -2.09 -5.38 -4.80
CA GLN B 43 -1.64 -6.52 -5.63
C GLN B 43 -1.61 -6.18 -7.12
N HIS B 44 -2.59 -5.40 -7.59
CA HIS B 44 -2.61 -4.93 -8.96
C HIS B 44 -2.95 -3.45 -9.01
N SER B 45 -2.61 -2.81 -10.13
CA SER B 45 -2.83 -1.39 -10.30
C SER B 45 -4.27 -1.03 -10.67
N VAL B 46 -4.67 0.19 -10.30
CA VAL B 46 -6.07 0.59 -10.27
C VAL B 46 -6.25 1.95 -10.92
N LEU B 47 -7.24 2.07 -11.82
CA LEU B 47 -7.73 3.35 -12.29
C LEU B 47 -9.10 3.60 -11.67
N THR B 48 -9.53 4.86 -11.57
CA THR B 48 -10.81 5.11 -10.89
C THR B 48 -11.85 5.88 -11.71
N GLN B 49 -11.45 6.55 -12.78
CA GLN B 49 -12.35 7.48 -13.46
C GLN B 49 -12.16 7.50 -14.98
N ASN B 50 -13.26 7.42 -15.73
CA ASN B 50 -13.24 7.41 -17.21
C ASN B 50 -12.08 6.55 -17.76
N PRO B 51 -12.06 5.26 -17.42
CA PRO B 51 -10.87 4.41 -17.67
C PRO B 51 -10.68 3.97 -19.12
N GLY B 52 -11.62 4.29 -19.99
CA GLY B 52 -11.57 3.82 -21.37
C GLY B 52 -12.19 2.43 -21.48
N PRO B 53 -12.00 1.76 -22.63
CA PRO B 53 -12.58 0.44 -22.92
C PRO B 53 -12.32 -0.62 -21.84
N LEU B 54 -13.38 -1.33 -21.45
CA LEU B 54 -13.29 -2.34 -20.41
C LEU B 54 -13.37 -3.72 -21.01
N SER B 55 -12.62 -4.64 -20.41
CA SER B 55 -12.70 -6.05 -20.76
C SER B 55 -14.06 -6.59 -20.35
N ASP B 56 -14.43 -7.74 -20.89
CA ASP B 56 -15.59 -8.45 -20.39
C ASP B 56 -15.27 -9.15 -19.05
N LYS B 57 -13.98 -9.23 -18.72
CA LYS B 57 -13.55 -9.92 -17.52
C LYS B 57 -13.52 -9.02 -16.28
N SER B 58 -13.69 -9.65 -15.13
CA SER B 58 -13.68 -8.93 -13.87
C SER B 58 -12.81 -9.70 -12.85
N ALA B 59 -12.40 -8.99 -11.78
CA ALA B 59 -11.74 -9.59 -10.63
C ALA B 59 -12.55 -9.38 -9.33
N TRP B 60 -12.43 -10.30 -8.39
CA TRP B 60 -12.84 -10.03 -7.03
C TRP B 60 -11.75 -9.21 -6.36
N VAL B 61 -12.09 -8.04 -5.86
CA VAL B 61 -11.13 -7.18 -5.17
C VAL B 61 -11.49 -7.17 -3.68
N GLN B 62 -10.57 -7.62 -2.84
CA GLN B 62 -10.76 -7.56 -1.40
C GLN B 62 -10.00 -6.34 -0.88
N GLY B 63 -10.74 -5.37 -0.35
CA GLY B 63 -10.16 -4.16 0.23
C GLY B 63 -10.09 -4.30 1.75
N ALA B 64 -9.76 -3.20 2.42
CA ALA B 64 -9.63 -3.24 3.87
C ALA B 64 -10.96 -3.50 4.56
N THR B 65 -12.07 -3.07 3.97
CA THR B 65 -13.37 -3.08 4.65
C THR B 65 -14.38 -4.11 4.10
N GLY B 66 -14.03 -4.75 2.99
CA GLY B 66 -14.91 -5.70 2.33
C GLY B 66 -14.47 -5.94 0.89
N GLY B 67 -15.22 -6.72 0.15
CA GLY B 67 -14.87 -7.03 -1.24
C GLY B 67 -16.07 -7.00 -2.17
N LYS B 68 -15.78 -6.86 -3.46
CA LYS B 68 -16.73 -7.05 -4.54
C LYS B 68 -15.96 -7.06 -5.86
N ARG B 69 -16.66 -7.26 -6.96
CA ARG B 69 -16.01 -7.44 -8.25
C ARG B 69 -15.87 -6.14 -9.02
N TYR B 70 -14.76 -6.03 -9.75
CA TYR B 70 -14.52 -4.88 -10.59
C TYR B 70 -13.98 -5.33 -11.93
N ARG B 71 -14.27 -4.53 -12.95
CA ARG B 71 -13.86 -4.90 -14.31
C ARG B 71 -12.37 -4.60 -14.59
N TRP B 72 -11.75 -5.48 -15.38
CA TRP B 72 -10.44 -5.22 -16.00
C TRP B 72 -10.60 -4.27 -17.19
N THR B 73 -9.65 -3.36 -17.38
CA THR B 73 -9.64 -2.56 -18.62
C THR B 73 -9.05 -3.44 -19.69
N THR B 74 -9.21 -3.04 -20.95
CA THR B 74 -8.41 -3.65 -22.02
C THR B 74 -6.95 -3.19 -21.83
N ASP B 75 -6.04 -3.76 -22.61
CA ASP B 75 -4.63 -3.37 -22.55
C ASP B 75 -4.40 -1.87 -22.77
N ARG B 76 -3.42 -1.33 -22.06
CA ARG B 76 -3.05 0.07 -22.21
C ARG B 76 -1.55 0.17 -22.44
N LYS B 77 -1.16 1.14 -23.25
CA LYS B 77 0.25 1.50 -23.36
C LYS B 77 0.59 2.37 -22.15
N VAL B 78 1.58 1.93 -21.37
CA VAL B 78 2.06 2.66 -20.19
C VAL B 78 3.54 2.98 -20.40
N HIS B 79 3.88 4.25 -20.25
CA HIS B 79 5.26 4.70 -20.42
C HIS B 79 6.03 4.66 -19.10
N LEU B 80 6.89 3.66 -18.96
CA LEU B 80 7.77 3.53 -17.80
C LEU B 80 9.12 4.18 -18.11
N ALA B 81 10.02 4.19 -17.12
CA ALA B 81 11.36 4.81 -17.22
C ALA B 81 12.18 4.34 -18.41
N THR B 82 12.38 3.02 -18.49
CA THR B 82 12.96 2.39 -19.68
C THR B 82 11.89 1.50 -20.30
N GLY B 83 11.35 1.96 -21.44
CA GLY B 83 10.41 1.19 -22.24
C GLY B 83 8.95 1.51 -21.98
N LYS B 84 8.14 1.24 -23.00
CA LYS B 84 6.69 1.23 -22.90
C LYS B 84 6.32 -0.21 -22.58
N VAL B 85 5.27 -0.39 -21.79
CA VAL B 85 4.70 -1.72 -21.59
C VAL B 85 3.20 -1.66 -21.88
N THR B 86 2.61 -2.81 -22.16
CA THR B 86 1.16 -2.88 -22.25
C THR B 86 0.67 -3.57 -20.99
N HIS B 87 -0.26 -2.91 -20.31
CA HIS B 87 -0.71 -3.35 -19.01
C HIS B 87 -2.21 -3.12 -18.91
N SER B 88 -2.89 -3.99 -18.18
CA SER B 88 -4.30 -3.76 -17.90
C SER B 88 -4.49 -3.40 -16.43
N PHE B 89 -5.46 -2.54 -16.16
CA PHE B 89 -5.75 -2.06 -14.83
C PHE B 89 -7.11 -2.53 -14.36
N LEU B 90 -7.30 -2.59 -13.04
CA LEU B 90 -8.64 -2.71 -12.49
C LEU B 90 -9.28 -1.34 -12.50
N HIS B 91 -10.57 -1.28 -12.82
CA HIS B 91 -11.32 -0.07 -12.72
C HIS B 91 -12.13 -0.15 -11.43
N VAL B 92 -11.73 0.63 -10.43
CA VAL B 92 -12.35 0.60 -9.11
C VAL B 92 -12.85 2.02 -8.80
N PRO B 93 -14.08 2.34 -9.20
CA PRO B 93 -14.60 3.69 -8.98
C PRO B 93 -14.88 4.01 -7.51
N ASP B 94 -14.92 3.00 -6.65
CA ASP B 94 -15.03 3.24 -5.19
C ASP B 94 -13.72 3.70 -4.54
N CYS B 95 -12.62 3.63 -5.28
CA CYS B 95 -11.30 3.96 -4.76
C CYS B 95 -11.04 5.46 -4.96
N PRO B 96 -10.53 6.15 -3.92
CA PRO B 96 -10.36 7.60 -4.03
C PRO B 96 -9.25 8.05 -4.99
N TYR B 97 -8.22 7.21 -5.21
CA TYR B 97 -7.11 7.58 -6.10
C TYR B 97 -6.69 6.42 -6.95
N PRO B 98 -6.13 6.69 -8.15
CA PRO B 98 -5.49 5.60 -8.89
C PRO B 98 -4.33 5.06 -8.07
N LEU B 99 -4.05 3.76 -8.17
CA LEU B 99 -3.04 3.14 -7.32
C LEU B 99 -2.05 2.45 -8.20
N LEU B 100 -0.76 2.69 -7.93
CA LEU B 100 0.29 1.98 -8.60
C LEU B 100 0.74 0.87 -7.67
N GLY B 101 0.36 -0.36 -8.01
CA GLY B 101 0.55 -1.49 -7.14
C GLY B 101 1.82 -2.27 -7.44
N ARG B 102 1.93 -3.43 -6.79
CA ARG B 102 3.16 -4.23 -6.85
C ARG B 102 3.48 -4.76 -8.24
N ASP B 103 2.44 -4.92 -9.08
CA ASP B 103 2.61 -5.32 -10.48
C ASP B 103 3.52 -4.40 -11.29
N LEU B 104 3.28 -3.09 -11.21
CA LEU B 104 4.09 -2.13 -11.98
C LEU B 104 5.36 -1.70 -11.24
N LEU B 105 5.29 -1.68 -9.90
CA LEU B 105 6.47 -1.45 -9.08
C LEU B 105 7.57 -2.47 -9.42
N THR B 106 7.20 -3.73 -9.61
CA THR B 106 8.14 -4.74 -10.07
C THR B 106 8.70 -4.40 -11.44
N LYS B 107 7.82 -4.01 -12.37
CA LYS B 107 8.25 -3.67 -13.73
C LYS B 107 9.15 -2.44 -13.77
N LEU B 108 8.88 -1.48 -12.89
CA LEU B 108 9.71 -0.29 -12.79
C LEU B 108 10.98 -0.54 -11.99
N LYS B 109 11.05 -1.67 -11.30
CA LYS B 109 12.12 -1.95 -10.33
C LYS B 109 12.29 -0.76 -9.39
N ALA B 110 11.18 -0.24 -8.88
CA ALA B 110 11.20 1.00 -8.13
C ALA B 110 11.74 0.83 -6.72
N GLN B 111 12.19 1.95 -6.14
CA GLN B 111 12.50 2.03 -4.72
C GLN B 111 11.67 3.15 -4.12
N ILE B 112 11.18 2.93 -2.90
CA ILE B 112 10.42 3.96 -2.20
C ILE B 112 11.19 4.36 -0.93
N HIS B 113 11.45 5.66 -0.79
CA HIS B 113 12.22 6.16 0.35
C HIS B 113 11.37 7.05 1.23
N PHE B 114 11.29 6.73 2.52
CA PHE B 114 10.66 7.62 3.49
C PHE B 114 11.72 8.50 4.15
N GLU B 115 11.55 9.81 4.06
CA GLU B 115 12.55 10.79 4.49
C GLU B 115 11.83 12.03 5.00
N GLY B 116 12.30 12.57 6.12
CA GLY B 116 11.56 13.58 6.88
C GLY B 116 10.16 13.03 7.13
N SER B 117 9.15 13.77 6.65
CA SER B 117 7.77 13.31 6.67
C SER B 117 7.28 13.03 5.25
N GLY B 118 8.13 13.31 4.26
CA GLY B 118 7.81 12.99 2.86
C GLY B 118 8.06 11.53 2.48
N ALA B 119 7.78 11.21 1.23
CA ALA B 119 8.16 9.92 0.65
C ALA B 119 8.41 10.12 -0.82
N GLN B 120 9.49 9.53 -1.33
CA GLN B 120 9.83 9.66 -2.76
C GLN B 120 10.01 8.31 -3.44
N VAL B 121 9.68 8.28 -4.72
CA VAL B 121 9.80 7.06 -5.53
C VAL B 121 10.95 7.26 -6.50
N VAL B 122 11.85 6.29 -6.52
CA VAL B 122 12.96 6.33 -7.47
C VAL B 122 13.11 5.02 -8.24
N GLY B 123 13.92 5.06 -9.29
CA GLY B 123 14.16 3.90 -10.15
C GLY B 123 15.17 2.94 -9.54
N PRO B 124 15.52 1.88 -10.28
CA PRO B 124 16.40 0.82 -9.77
C PRO B 124 17.74 1.32 -9.24
N MET B 125 18.17 2.49 -9.69
CA MET B 125 19.43 3.10 -9.26
C MET B 125 19.29 4.61 -9.00
N GLY B 126 18.38 4.96 -8.11
CA GLY B 126 18.28 6.32 -7.58
C GLY B 126 17.79 7.42 -8.52
N GLN B 127 17.53 7.07 -9.78
CA GLN B 127 16.93 8.04 -10.71
C GLN B 127 15.47 8.32 -10.35
N PRO B 128 15.11 9.61 -10.18
CA PRO B 128 13.80 10.01 -9.66
C PRO B 128 12.66 9.73 -10.65
N LEU B 129 11.45 9.64 -10.11
CA LEU B 129 10.25 9.45 -10.93
C LEU B 129 9.03 10.04 -10.23
C ACE C 1 -5.87 -3.14 -0.36
O ACE C 1 -7.08 -3.04 -0.20
CH3 ACE C 1 -4.89 -2.85 0.75
N VAL C 2 -5.35 -3.84 -1.35
CA VAL C 2 -6.08 -4.33 -2.52
C VAL C 2 -5.58 -5.74 -2.85
N VAL C 3 -6.42 -6.73 -2.59
CA VAL C 3 -6.07 -8.12 -2.87
C VAL C 3 -7.02 -8.64 -3.93
N STA C 4 -6.38 -9.28 -4.93
CA STA C 4 -7.17 -9.86 -6.01
CB STA C 4 -6.28 -10.31 -7.17
CG STA C 4 -5.87 -9.14 -8.06
CD1 STA C 4 -7.07 -8.38 -8.62
CD2 STA C 4 -4.99 -9.62 -9.20
CH STA C 4 -8.00 -11.02 -5.44
OH STA C 4 -8.88 -11.53 -6.43
CM STA C 4 -7.13 -12.13 -4.85
C STA C 4 -8.02 -13.09 -4.10
O STA C 4 -8.49 -12.91 -2.78
N ALA C 5 -7.83 -14.28 -4.68
C ACE D 1 -6.14 1.20 1.97
O ACE D 1 -7.25 0.68 1.88
CH3 ACE D 1 -4.89 0.44 1.60
N VAL D 2 -5.94 2.25 2.76
CA VAL D 2 -6.94 2.70 3.72
C VAL D 2 -6.75 4.16 4.16
N VAL D 3 -7.75 4.99 3.91
CA VAL D 3 -7.71 6.42 4.24
C VAL D 3 -8.60 6.72 5.44
N STA D 4 -8.36 7.88 6.07
CA STA D 4 -9.26 8.28 7.13
CB STA D 4 -8.51 8.40 8.44
CG STA D 4 -8.34 7.04 9.09
CD1 STA D 4 -7.64 7.18 10.43
CD2 STA D 4 -7.60 6.11 8.15
CH STA D 4 -9.87 9.63 6.79
OH STA D 4 -9.47 10.01 5.50
CM STA D 4 -11.39 9.63 6.92
C STA D 4 -11.79 11.02 7.37
O STA D 4 -12.38 11.26 8.62
N ALA D 5 -12.08 11.71 6.27
C ACE E 1 -8.43 6.40 5.99
O ACE E 1 -9.32 5.59 5.81
CH3 ACE E 1 -8.31 7.10 7.32
N VAL E 2 -7.68 6.82 4.96
CA VAL E 2 -7.64 6.03 3.72
C VAL E 2 -6.66 4.84 3.83
N VAL E 3 -7.21 3.64 3.96
CA VAL E 3 -6.42 2.42 4.00
C VAL E 3 -6.64 1.61 2.72
N STA E 4 -5.65 1.67 1.81
CA STA E 4 -5.91 1.26 0.44
CB STA E 4 -5.65 2.47 -0.46
CG STA E 4 -6.76 3.51 -0.32
CD1 STA E 4 -6.28 4.94 -0.57
CD2 STA E 4 -7.94 3.14 -1.20
CH STA E 4 -5.12 0.02 -0.01
OH STA E 4 -3.74 0.24 0.22
CM STA E 4 -5.52 -1.31 0.68
C STA E 4 -5.99 -2.44 -0.27
O STA E 4 -7.35 -2.17 -0.86
N ALA E 5 -5.29 -3.43 -1.14
CA ALA E 5 -6.21 -4.28 -1.92
C ALA E 5 -5.62 -5.62 -2.38
N STA E 6 -6.67 -6.40 -2.64
CA STA E 6 -6.47 -7.76 -3.10
CB STA E 6 -6.61 -8.71 -1.93
CG STA E 6 -5.22 -9.15 -1.48
CD1 STA E 6 -4.70 -8.18 -0.43
CD2 STA E 6 -5.24 -10.59 -0.97
CH STA E 6 -7.51 -8.12 -4.16
OH STA E 6 -7.72 -7.01 -4.99
CM STA E 6 -7.06 -9.32 -5.00
C STA E 6 -7.26 -10.59 -4.21
O STA E 6 -8.38 -11.43 -4.45
C FMT F . -11.88 10.34 5.51
O1 FMT F . -12.53 9.35 5.78
O2 FMT F . -11.99 11.00 4.47
#